data_1NWO
#
_entry.id   1NWO
#
_cell.length_a   43.250
_cell.length_b   50.650
_cell.length_c   54.600
_cell.angle_alpha   90.00
_cell.angle_beta   107.79
_cell.angle_gamma   90.00
#
_symmetry.space_group_name_H-M   'P 1 21 1'
#
loop_
_entity.id
_entity.type
_entity.pdbx_description
1 polymer AZURIN
2 non-polymer 'COPPER (II) ION'
3 water water
#
_entity_poly.entity_id   1
_entity_poly.type   'polypeptide(L)'
_entity_poly.pdbx_seq_one_letter_code
;AECKVTVDSTDQMSFNTKDIAIDKSCKTFTVELTHSGSLPKNVMGHNLVISKEADMQPIATDGLSAGIDKQYLKDGDARV
IAHTKVIGAGEKDSVTFDVSKLAAGEKYGFFCSFPGHISMMKGTVTLK
;
_entity_poly.pdbx_strand_id   A,B
#
loop_
_chem_comp.id
_chem_comp.type
_chem_comp.name
_chem_comp.formula
CU non-polymer 'COPPER (II) ION' 'Cu 2'
#
# COMPACT_ATOMS: atom_id res chain seq x y z
N ALA A 1 1.59 33.18 -16.76
CA ALA A 1 1.34 33.81 -15.44
C ALA A 1 2.24 33.15 -14.39
N GLU A 2 1.68 32.74 -13.26
CA GLU A 2 2.39 31.90 -12.32
C GLU A 2 2.05 30.44 -12.64
N CYS A 3 2.96 29.76 -13.30
CA CYS A 3 2.66 28.49 -13.94
C CYS A 3 3.42 27.32 -13.32
N LYS A 4 3.46 27.30 -11.99
CA LYS A 4 4.18 26.28 -11.25
C LYS A 4 3.64 26.27 -9.84
N VAL A 5 3.73 25.12 -9.18
CA VAL A 5 3.34 25.02 -7.80
C VAL A 5 4.22 23.99 -7.11
N THR A 6 4.39 24.13 -5.81
CA THR A 6 5.11 23.15 -5.02
C THR A 6 4.17 22.57 -3.98
N VAL A 7 4.03 21.25 -3.97
CA VAL A 7 3.16 20.59 -3.01
C VAL A 7 4.05 19.70 -2.14
N ASP A 8 3.82 19.73 -0.84
CA ASP A 8 4.55 18.87 0.10
C ASP A 8 3.70 17.66 0.47
N SER A 9 4.37 16.55 0.74
CA SER A 9 3.72 15.36 1.24
C SER A 9 4.43 14.88 2.50
N THR A 10 3.69 14.21 3.37
CA THR A 10 4.11 14.03 4.76
C THR A 10 4.14 12.56 5.17
N ASP A 11 4.72 12.26 6.33
CA ASP A 11 4.62 10.93 6.92
C ASP A 11 3.22 10.67 7.45
N GLN A 12 2.43 11.72 7.61
CA GLN A 12 1.09 11.60 8.16
C GLN A 12 0.08 11.41 7.04
N MET A 13 0.57 11.00 5.88
CA MET A 13 -0.26 10.73 4.72
C MET A 13 -1.16 11.91 4.35
N SER A 14 -0.53 13.02 3.99
CA SER A 14 -1.28 14.19 3.58
C SER A 14 -0.48 14.94 2.55
N PHE A 15 -1.16 15.60 1.62
CA PHE A 15 -0.57 16.69 0.86
C PHE A 15 -0.80 17.96 1.67
N ASN A 16 -0.05 19.02 1.38
CA ASN A 16 -0.25 20.28 2.09
C ASN A 16 -1.16 21.26 1.34
N THR A 17 -1.82 20.77 0.30
CA THR A 17 -2.84 21.56 -0.38
C THR A 17 -4.00 20.67 -0.79
N LYS A 18 -5.15 21.29 -1.05
CA LYS A 18 -6.34 20.53 -1.45
C LYS A 18 -6.84 20.94 -2.81
N ASP A 19 -6.17 21.89 -3.43
CA ASP A 19 -6.54 22.34 -4.76
C ASP A 19 -5.34 22.91 -5.48
N ILE A 20 -5.17 22.53 -6.75
CA ILE A 20 -4.16 23.13 -7.59
C ILE A 20 -4.87 24.01 -8.61
N ALA A 21 -4.73 25.32 -8.45
CA ALA A 21 -5.30 26.27 -9.39
C ALA A 21 -4.33 26.46 -10.55
N ILE A 22 -4.83 26.34 -11.77
CA ILE A 22 -4.00 26.46 -12.97
C ILE A 22 -4.52 27.63 -13.80
N ASP A 23 -3.64 28.59 -14.07
CA ASP A 23 -4.00 29.78 -14.82
C ASP A 23 -4.06 29.47 -16.32
N LYS A 24 -5.17 29.82 -16.95
CA LYS A 24 -5.37 29.57 -18.38
C LYS A 24 -4.31 30.21 -19.29
N SER A 25 -3.63 31.24 -18.78
CA SER A 25 -2.54 31.88 -19.54
C SER A 25 -1.33 30.94 -19.66
N CYS A 26 -1.25 30.00 -18.74
CA CYS A 26 -0.20 28.99 -18.72
C CYS A 26 -0.35 28.02 -19.87
N LYS A 27 0.57 28.11 -20.83
CA LYS A 27 0.63 27.17 -21.93
C LYS A 27 1.24 25.83 -21.46
N THR A 28 1.88 25.88 -20.30
CA THR A 28 2.44 24.68 -19.70
C THR A 28 2.38 24.86 -18.17
N PHE A 29 2.24 23.76 -17.43
CA PHE A 29 2.20 23.83 -15.97
C PHE A 29 3.19 22.87 -15.32
N THR A 30 3.78 23.30 -14.21
CA THR A 30 4.80 22.53 -13.53
C THR A 30 4.43 22.29 -12.08
N VAL A 31 4.37 21.03 -11.70
CA VAL A 31 4.03 20.65 -10.34
C VAL A 31 5.28 20.05 -9.70
N GLU A 32 5.74 20.67 -8.63
CA GLU A 32 6.87 20.13 -7.88
C GLU A 32 6.31 19.42 -6.67
N LEU A 33 6.82 18.22 -6.40
CA LEU A 33 6.44 17.49 -5.21
C LEU A 33 7.64 17.25 -4.30
N THR A 34 7.46 17.54 -3.03
CA THR A 34 8.50 17.30 -2.04
C THR A 34 7.93 16.39 -0.96
N HIS A 35 8.81 15.76 -0.21
CA HIS A 35 8.40 14.90 0.89
C HIS A 35 9.19 15.30 2.15
N SER A 36 8.49 15.75 3.18
CA SER A 36 9.11 16.05 4.46
C SER A 36 8.97 14.85 5.39
N GLY A 37 9.58 14.92 6.56
CA GLY A 37 9.55 13.77 7.44
C GLY A 37 10.63 12.80 7.05
N SER A 38 10.59 11.60 7.62
CA SER A 38 11.76 10.72 7.61
C SER A 38 11.49 9.29 7.11
N LEU A 39 10.25 9.02 6.70
CA LEU A 39 9.87 7.68 6.25
C LEU A 39 10.33 7.39 4.81
N PRO A 40 10.99 6.24 4.59
CA PRO A 40 11.48 5.87 3.26
C PRO A 40 10.33 5.61 2.30
N LYS A 41 10.63 5.54 1.00
CA LYS A 41 9.60 5.47 -0.01
C LYS A 41 8.80 4.17 0.01
N ASN A 42 9.39 3.10 0.52
CA ASN A 42 8.69 1.82 0.55
C ASN A 42 7.72 1.66 1.72
N VAL A 43 7.72 2.60 2.65
CA VAL A 43 6.67 2.60 3.67
C VAL A 43 5.70 3.77 3.56
N MET A 44 6.19 4.93 3.13
CA MET A 44 5.32 6.11 3.04
C MET A 44 5.73 6.92 1.82
N GLY A 45 5.85 6.26 0.69
CA GLY A 45 6.19 6.96 -0.53
C GLY A 45 4.98 7.71 -1.02
N HIS A 46 5.19 8.78 -1.76
CA HIS A 46 4.09 9.52 -2.35
C HIS A 46 4.43 9.89 -3.77
N ASN A 47 3.43 9.85 -4.63
CA ASN A 47 3.53 10.51 -5.92
C ASN A 47 2.34 11.45 -6.04
N LEU A 48 2.33 12.24 -7.11
CA LEU A 48 1.17 13.08 -7.43
C LEU A 48 0.74 12.79 -8.86
N VAL A 49 -0.54 12.44 -9.01
CA VAL A 49 -1.10 12.03 -10.28
C VAL A 49 -2.27 12.97 -10.60
N ILE A 50 -2.31 13.49 -11.83
CA ILE A 50 -3.46 14.28 -12.29
C ILE A 50 -4.32 13.50 -13.30
N SER A 51 -5.63 13.47 -13.05
CA SER A 51 -6.58 12.82 -13.96
C SER A 51 -7.96 13.44 -13.79
N LYS A 52 -8.90 13.05 -14.64
CA LYS A 52 -10.30 13.39 -14.40
C LYS A 52 -10.70 12.78 -13.07
N GLU A 53 -11.59 13.47 -12.35
CA GLU A 53 -12.02 13.00 -11.03
C GLU A 53 -12.61 11.60 -11.08
N ALA A 54 -13.36 11.31 -12.13
CA ALA A 54 -13.98 9.99 -12.31
C ALA A 54 -12.95 8.86 -12.38
N ASP A 55 -11.74 9.19 -12.79
CA ASP A 55 -10.74 8.18 -13.12
C ASP A 55 -9.77 7.88 -11.98
N MET A 56 -9.81 8.68 -10.92
CA MET A 56 -8.82 8.59 -9.85
C MET A 56 -8.79 7.22 -9.18
N GLN A 57 -9.95 6.73 -8.74
CA GLN A 57 -9.98 5.40 -8.13
C GLN A 57 -9.67 4.27 -9.12
N PRO A 58 -10.21 4.34 -10.35
CA PRO A 58 -9.85 3.23 -11.27
C PRO A 58 -8.36 3.17 -11.58
N ILE A 59 -7.74 4.35 -11.74
CA ILE A 59 -6.30 4.44 -11.93
C ILE A 59 -5.55 3.81 -10.76
N ALA A 60 -5.88 4.23 -9.54
CA ALA A 60 -5.23 3.72 -8.34
C ALA A 60 -5.36 2.19 -8.21
N THR A 61 -6.55 1.67 -8.48
CA THR A 61 -6.76 0.23 -8.46
C THR A 61 -5.90 -0.52 -9.48
N ASP A 62 -5.73 0.05 -10.67
CA ASP A 62 -4.82 -0.53 -11.65
C ASP A 62 -3.35 -0.36 -11.26
N GLY A 63 -3.05 0.73 -10.56
CA GLY A 63 -1.70 0.95 -10.11
C GLY A 63 -1.19 -0.11 -9.14
N LEU A 64 -2.06 -0.62 -8.29
CA LEU A 64 -1.70 -1.62 -7.28
C LEU A 64 -0.82 -2.71 -7.85
N SER A 65 -1.24 -3.23 -9.01
CA SER A 65 -0.56 -4.34 -9.64
C SER A 65 0.74 -3.93 -10.36
N ALA A 66 0.86 -2.65 -10.68
CA ALA A 66 1.99 -2.19 -11.47
C ALA A 66 3.28 -2.16 -10.67
N GLY A 67 3.17 -1.99 -9.36
CA GLY A 67 4.35 -2.02 -8.53
C GLY A 67 5.10 -0.71 -8.47
N ILE A 68 5.98 -0.60 -7.49
CA ILE A 68 6.70 0.64 -7.23
C ILE A 68 7.69 1.01 -8.35
N ASP A 69 8.09 0.02 -9.14
CA ASP A 69 9.00 0.25 -10.28
C ASP A 69 8.30 1.04 -11.38
N LYS A 70 6.98 0.91 -11.43
CA LYS A 70 6.16 1.64 -12.40
C LYS A 70 5.51 2.88 -11.77
N GLN A 71 6.03 3.28 -10.62
CA GLN A 71 5.46 4.37 -9.83
C GLN A 71 4.00 4.08 -9.43
N TYR A 72 3.67 2.81 -9.25
CA TYR A 72 2.31 2.41 -8.92
C TYR A 72 1.26 2.97 -9.88
N LEU A 73 1.59 2.90 -11.17
CA LEU A 73 0.72 3.36 -12.24
C LEU A 73 0.85 2.36 -13.38
N LYS A 74 -0.29 1.88 -13.89
CA LYS A 74 -0.30 0.98 -15.03
C LYS A 74 0.43 1.69 -16.18
N ASP A 75 1.37 1.00 -16.82
CA ASP A 75 2.21 1.66 -17.80
C ASP A 75 1.39 2.17 -18.98
N GLY A 76 1.65 3.41 -19.38
CA GLY A 76 0.95 3.98 -20.53
C GLY A 76 -0.53 4.20 -20.28
N ASP A 77 -0.93 4.30 -19.02
CA ASP A 77 -2.34 4.45 -18.66
C ASP A 77 -2.89 5.70 -19.34
N ALA A 78 -3.91 5.53 -20.16
CA ALA A 78 -4.45 6.63 -20.97
C ALA A 78 -5.18 7.70 -20.16
N ARG A 79 -5.60 7.34 -18.95
CA ARG A 79 -6.39 8.24 -18.10
C ARG A 79 -5.51 9.23 -17.33
N VAL A 80 -4.21 9.01 -17.36
CA VAL A 80 -3.28 9.80 -16.56
C VAL A 80 -2.80 11.02 -17.36
N ILE A 81 -3.13 12.22 -16.89
CA ILE A 81 -2.71 13.44 -17.57
C ILE A 81 -1.22 13.67 -17.34
N ALA A 82 -0.78 13.46 -16.10
CA ALA A 82 0.62 13.72 -15.71
C ALA A 82 0.84 13.11 -14.35
N HIS A 83 2.10 12.77 -14.04
CA HIS A 83 2.39 12.19 -12.73
C HIS A 83 3.85 12.37 -12.41
N THR A 84 4.16 12.42 -11.11
CA THR A 84 5.56 12.38 -10.69
C THR A 84 5.93 10.92 -10.38
N LYS A 85 7.22 10.68 -10.14
CA LYS A 85 7.68 9.47 -9.49
C LYS A 85 7.16 9.34 -8.08
N VAL A 86 7.23 8.12 -7.53
CA VAL A 86 7.07 7.89 -6.11
C VAL A 86 8.36 8.30 -5.41
N ILE A 87 8.26 9.25 -4.48
CA ILE A 87 9.40 9.72 -3.73
C ILE A 87 9.23 9.43 -2.25
N GLY A 88 10.35 9.22 -1.58
CA GLY A 88 10.34 9.09 -0.13
C GLY A 88 10.92 10.33 0.49
N ALA A 89 11.07 10.28 1.82
CA ALA A 89 11.59 11.38 2.59
C ALA A 89 12.89 11.95 2.03
N GLY A 90 12.90 13.26 1.82
CA GLY A 90 14.11 13.94 1.40
C GLY A 90 14.20 14.11 -0.10
N GLU A 91 13.40 13.36 -0.84
CA GLU A 91 13.49 13.41 -2.28
C GLU A 91 12.55 14.46 -2.84
N LYS A 92 12.74 14.80 -4.11
CA LYS A 92 11.90 15.76 -4.82
C LYS A 92 11.71 15.30 -6.27
N ASP A 93 10.57 15.62 -6.85
CA ASP A 93 10.38 15.40 -8.28
C ASP A 93 9.45 16.47 -8.85
N SER A 94 9.51 16.68 -10.15
CA SER A 94 8.60 17.63 -10.78
C SER A 94 8.15 17.10 -12.13
N VAL A 95 6.98 17.57 -12.55
CA VAL A 95 6.43 17.19 -13.83
C VAL A 95 5.78 18.40 -14.49
N THR A 96 6.17 18.66 -15.73
CA THR A 96 5.56 19.72 -16.51
C THR A 96 4.62 19.10 -17.55
N PHE A 97 3.47 19.72 -17.78
CA PHE A 97 2.55 19.24 -18.81
C PHE A 97 1.84 20.38 -19.53
N ASP A 98 1.32 20.07 -20.70
CA ASP A 98 0.58 21.04 -21.50
C ASP A 98 -0.81 21.23 -20.91
N VAL A 99 -1.16 22.49 -20.64
CA VAL A 99 -2.46 22.80 -20.06
C VAL A 99 -3.59 22.58 -21.06
N SER A 100 -3.23 22.49 -22.34
CA SER A 100 -4.17 22.14 -23.39
C SER A 100 -4.85 20.79 -23.16
N LYS A 101 -4.16 19.89 -22.45
CA LYS A 101 -4.66 18.54 -22.21
C LYS A 101 -5.89 18.54 -21.32
N LEU A 102 -6.06 19.60 -20.55
CA LEU A 102 -7.19 19.70 -19.62
C LEU A 102 -8.42 20.23 -20.34
N ALA A 103 -9.36 19.31 -20.61
CA ALA A 103 -10.58 19.60 -21.35
C ALA A 103 -11.50 20.54 -20.59
N ALA A 104 -11.85 21.65 -21.23
CA ALA A 104 -12.78 22.61 -20.68
C ALA A 104 -14.11 21.94 -20.32
N GLY A 105 -14.61 22.23 -19.12
CA GLY A 105 -15.89 21.69 -18.71
C GLY A 105 -15.79 20.40 -17.92
N GLU A 106 -14.65 19.72 -18.03
CA GLU A 106 -14.41 18.47 -17.32
C GLU A 106 -13.90 18.75 -15.91
N LYS A 107 -14.08 17.79 -15.03
CA LYS A 107 -13.57 17.89 -13.66
C LYS A 107 -12.32 17.04 -13.51
N TYR A 108 -11.31 17.63 -12.90
CA TYR A 108 -10.01 17.00 -12.71
C TYR A 108 -9.62 17.00 -11.24
N GLY A 109 -8.68 16.12 -10.89
CA GLY A 109 -8.25 16.00 -9.52
C GLY A 109 -6.83 15.50 -9.49
N PHE A 110 -6.18 15.65 -8.34
CA PHE A 110 -4.85 15.09 -8.13
C PHE A 110 -4.92 14.11 -6.97
N PHE A 111 -4.14 13.04 -7.04
CA PHE A 111 -4.12 12.06 -5.97
C PHE A 111 -2.76 11.39 -5.88
N CYS A 112 -2.56 10.62 -4.81
CA CYS A 112 -1.40 9.75 -4.69
C CYS A 112 -1.84 8.31 -4.93
N SER A 113 -1.13 7.60 -5.80
CA SER A 113 -1.52 6.24 -6.15
C SER A 113 -0.79 5.13 -5.36
N PHE A 114 0.06 5.53 -4.41
CA PHE A 114 0.72 4.56 -3.53
C PHE A 114 -0.37 3.82 -2.75
N PRO A 115 -0.29 2.48 -2.68
CA PRO A 115 -1.36 1.60 -2.19
C PRO A 115 -2.04 2.10 -0.92
N GLY A 116 -3.33 2.36 -1.04
CA GLY A 116 -4.13 2.73 0.11
C GLY A 116 -4.15 4.21 0.44
N HIS A 117 -3.35 5.01 -0.26
CA HIS A 117 -3.22 6.43 0.09
C HIS A 117 -4.34 7.32 -0.40
N ILE A 118 -4.98 6.93 -1.50
CA ILE A 118 -5.88 7.81 -2.24
C ILE A 118 -6.99 8.43 -1.39
N SER A 119 -7.54 7.66 -0.44
CA SER A 119 -8.62 8.17 0.40
C SER A 119 -8.16 9.38 1.20
N MET A 120 -6.88 9.42 1.56
CA MET A 120 -6.32 10.46 2.41
C MET A 120 -5.67 11.57 1.62
N MET A 121 -5.32 11.28 0.37
CA MET A 121 -4.41 12.12 -0.39
C MET A 121 -4.97 12.44 -1.77
N LYS A 122 -5.96 13.33 -1.80
CA LYS A 122 -6.51 13.76 -3.07
C LYS A 122 -7.02 15.19 -2.96
N GLY A 123 -7.07 15.87 -4.09
CA GLY A 123 -7.57 17.23 -4.11
C GLY A 123 -8.11 17.54 -5.49
N THR A 124 -8.47 18.80 -5.74
CA THR A 124 -9.01 19.21 -7.02
C THR A 124 -7.97 20.03 -7.78
N VAL A 125 -8.03 20.01 -9.10
CA VAL A 125 -7.32 21.01 -9.89
C VAL A 125 -8.32 21.90 -10.64
N THR A 126 -8.18 23.19 -10.39
CA THR A 126 -9.09 24.21 -10.85
C THR A 126 -8.48 24.97 -12.01
N LEU A 127 -9.13 24.90 -13.16
CA LEU A 127 -8.69 25.63 -14.33
C LEU A 127 -9.31 27.01 -14.28
N LYS A 128 -8.47 28.03 -14.08
CA LYS A 128 -8.92 29.40 -13.95
C LYS A 128 -8.04 30.31 -14.80
N ALA B 1 2.47 -27.06 24.76
CA ALA B 1 3.37 -25.97 25.26
C ALA B 1 2.63 -24.65 25.19
N GLU B 2 3.36 -23.54 25.15
CA GLU B 2 2.75 -22.23 24.92
C GLU B 2 2.37 -22.15 23.44
N CYS B 3 1.08 -22.28 23.16
CA CYS B 3 0.62 -22.54 21.79
C CYS B 3 -0.20 -21.40 21.19
N LYS B 4 0.23 -20.18 21.45
CA LYS B 4 -0.48 -19.00 20.98
C LYS B 4 0.50 -17.83 21.00
N VAL B 5 0.38 -16.94 20.02
CA VAL B 5 1.17 -15.71 20.01
C VAL B 5 0.25 -14.58 19.58
N THR B 6 0.53 -13.38 20.07
CA THR B 6 -0.17 -12.19 19.62
C THR B 6 0.83 -11.28 18.93
N VAL B 7 0.51 -10.89 17.71
CA VAL B 7 1.39 -10.03 16.92
C VAL B 7 0.64 -8.73 16.68
N ASP B 8 1.27 -7.60 16.97
CA ASP B 8 0.72 -6.31 16.59
C ASP B 8 1.26 -5.86 15.23
N SER B 9 0.41 -5.19 14.46
CA SER B 9 0.80 -4.58 13.20
C SER B 9 0.39 -3.10 13.26
N THR B 10 1.20 -2.23 12.66
CA THR B 10 1.20 -0.82 13.04
C THR B 10 0.79 0.10 11.90
N ASP B 11 0.67 1.39 12.21
CA ASP B 11 0.39 2.41 11.20
C ASP B 11 1.65 2.76 10.41
N GLN B 12 2.79 2.23 10.84
CA GLN B 12 4.06 2.47 10.16
C GLN B 12 4.48 1.26 9.34
N MET B 13 3.52 0.40 8.99
CA MET B 13 3.78 -0.77 8.15
C MET B 13 4.82 -1.70 8.76
N SER B 14 4.56 -2.16 9.98
CA SER B 14 5.47 -3.13 10.61
C SER B 14 4.70 -4.07 11.52
N PHE B 15 5.21 -5.30 11.62
CA PHE B 15 4.80 -6.22 12.67
C PHE B 15 5.72 -5.96 13.86
N ASN B 16 5.29 -6.28 15.07
CA ASN B 16 6.16 -6.09 16.23
C ASN B 16 6.95 -7.35 16.65
N THR B 17 7.16 -8.25 15.70
CA THR B 17 8.06 -9.39 15.89
C THR B 17 8.61 -9.83 14.54
N LYS B 18 9.80 -10.43 14.54
CA LYS B 18 10.43 -10.90 13.33
C LYS B 18 10.39 -12.42 13.20
N ASP B 19 10.01 -13.09 14.29
CA ASP B 19 9.97 -14.54 14.31
C ASP B 19 8.82 -15.03 15.16
N ILE B 20 8.11 -16.03 14.65
CA ILE B 20 7.11 -16.74 15.44
C ILE B 20 7.63 -18.14 15.71
N ALA B 21 7.88 -18.44 16.97
CA ALA B 21 8.39 -19.74 17.37
C ALA B 21 7.25 -20.66 17.82
N ILE B 22 7.13 -21.79 17.14
CA ILE B 22 6.12 -22.79 17.46
C ILE B 22 6.76 -24.01 18.14
N ASP B 23 6.46 -24.20 19.42
CA ASP B 23 6.89 -25.40 20.13
C ASP B 23 6.19 -26.63 19.56
N LYS B 24 6.97 -27.65 19.23
CA LYS B 24 6.43 -28.84 18.57
C LYS B 24 5.39 -29.61 19.38
N SER B 25 5.36 -29.40 20.69
CA SER B 25 4.38 -30.07 21.55
C SER B 25 2.98 -29.46 21.46
N CYS B 26 2.76 -28.60 20.46
CA CYS B 26 1.44 -28.04 20.21
C CYS B 26 0.83 -28.79 19.05
N LYS B 27 -0.33 -29.38 19.27
CA LYS B 27 -1.11 -29.98 18.18
C LYS B 27 -1.70 -28.87 17.29
N THR B 28 -1.99 -27.74 17.93
CA THR B 28 -2.72 -26.65 17.31
C THR B 28 -2.01 -25.38 17.78
N PHE B 29 -1.85 -24.41 16.88
CA PHE B 29 -1.23 -23.13 17.24
C PHE B 29 -2.12 -21.96 16.78
N THR B 30 -2.27 -20.97 17.64
CA THR B 30 -3.11 -19.81 17.36
C THR B 30 -2.27 -18.56 17.22
N VAL B 31 -2.41 -17.87 16.09
CA VAL B 31 -1.82 -16.56 15.92
C VAL B 31 -2.91 -15.51 15.99
N GLU B 32 -2.76 -14.59 16.94
CA GLU B 32 -3.67 -13.46 17.04
C GLU B 32 -2.96 -12.25 16.43
N LEU B 33 -3.67 -11.52 15.59
CA LEU B 33 -3.18 -10.27 15.04
C LEU B 33 -4.01 -9.08 15.53
N THR B 34 -3.35 -8.07 16.06
CA THR B 34 -4.02 -6.83 16.44
C THR B 34 -3.47 -5.72 15.53
N HIS B 35 -4.17 -4.60 15.45
CA HIS B 35 -3.66 -3.45 14.70
C HIS B 35 -3.78 -2.20 15.56
N SER B 36 -2.65 -1.66 15.99
CA SER B 36 -2.63 -0.45 16.79
C SER B 36 -2.75 0.78 15.90
N GLY B 37 -2.69 1.97 16.50
CA GLY B 37 -2.77 3.19 15.72
C GLY B 37 -4.20 3.58 15.39
N SER B 38 -4.39 4.27 14.28
CA SER B 38 -5.71 4.78 13.96
C SER B 38 -6.10 4.66 12.50
N LEU B 39 -5.20 4.14 11.66
CA LEU B 39 -5.44 4.06 10.23
C LEU B 39 -6.36 2.89 9.89
N PRO B 40 -7.38 3.12 9.04
CA PRO B 40 -8.36 2.08 8.74
C PRO B 40 -7.80 1.09 7.72
N LYS B 41 -8.50 -0.02 7.55
CA LYS B 41 -7.98 -1.14 6.77
C LYS B 41 -7.82 -0.84 5.28
N ASN B 42 -8.58 0.11 4.75
CA ASN B 42 -8.46 0.42 3.33
C ASN B 42 -7.27 1.31 2.99
N VAL B 43 -6.63 1.92 3.99
CA VAL B 43 -5.42 2.69 3.75
C VAL B 43 -4.16 2.02 4.30
N MET B 44 -4.29 1.37 5.46
CA MET B 44 -3.16 0.67 6.06
C MET B 44 -3.63 -0.64 6.71
N GLY B 45 -4.28 -1.48 5.92
CA GLY B 45 -4.71 -2.75 6.44
C GLY B 45 -3.58 -3.75 6.54
N HIS B 46 -3.75 -4.73 7.41
CA HIS B 46 -2.76 -5.80 7.58
C HIS B 46 -3.46 -7.12 7.80
N ASN B 47 -2.90 -8.18 7.22
CA ASN B 47 -3.26 -9.54 7.60
C ASN B 47 -1.94 -10.24 7.95
N LEU B 48 -2.02 -11.48 8.39
CA LEU B 48 -0.81 -12.24 8.60
C LEU B 48 -1.03 -13.59 7.93
N VAL B 49 -0.16 -13.91 6.98
CA VAL B 49 -0.26 -15.10 6.15
C VAL B 49 0.96 -15.96 6.43
N ILE B 50 0.77 -17.26 6.55
CA ILE B 50 1.86 -18.20 6.78
C ILE B 50 2.00 -19.14 5.57
N SER B 51 3.21 -19.26 5.05
CA SER B 51 3.48 -20.16 3.92
C SER B 51 4.95 -20.61 3.97
N LYS B 52 5.34 -21.46 3.04
CA LYS B 52 6.75 -21.71 2.78
C LYS B 52 7.40 -20.38 2.42
N GLU B 53 8.63 -20.20 2.88
CA GLU B 53 9.37 -18.96 2.65
C GLU B 53 9.48 -18.62 1.17
N ALA B 54 9.71 -19.64 0.35
CA ALA B 54 9.77 -19.44 -1.09
C ALA B 54 8.46 -18.95 -1.68
N ASP B 55 7.36 -19.22 -0.99
CA ASP B 55 6.06 -18.98 -1.59
C ASP B 55 5.49 -17.63 -1.23
N MET B 56 6.15 -16.91 -0.33
CA MET B 56 5.60 -15.65 0.19
C MET B 56 5.31 -14.63 -0.91
N GLN B 57 6.32 -14.31 -1.71
CA GLN B 57 6.16 -13.31 -2.76
C GLN B 57 5.18 -13.72 -3.89
N PRO B 58 5.20 -15.00 -4.30
CA PRO B 58 4.20 -15.46 -5.28
C PRO B 58 2.75 -15.36 -4.80
N ILE B 59 2.52 -15.69 -3.54
CA ILE B 59 1.19 -15.57 -2.94
C ILE B 59 0.78 -14.10 -2.93
N ALA B 60 1.70 -13.24 -2.50
CA ALA B 60 1.46 -11.81 -2.49
C ALA B 60 1.06 -11.30 -3.88
N THR B 61 1.83 -11.68 -4.89
CA THR B 61 1.58 -11.25 -6.26
C THR B 61 0.21 -11.71 -6.77
N ASP B 62 -0.17 -12.94 -6.45
CA ASP B 62 -1.48 -13.45 -6.86
C ASP B 62 -2.63 -12.81 -6.07
N GLY B 63 -2.32 -12.38 -4.85
CA GLY B 63 -3.30 -11.67 -4.05
C GLY B 63 -3.61 -10.24 -4.47
N LEU B 64 -2.70 -9.60 -5.20
CA LEU B 64 -2.89 -8.20 -5.62
C LEU B 64 -4.26 -7.93 -6.21
N SER B 65 -4.71 -8.82 -7.09
CA SER B 65 -5.92 -8.60 -7.87
C SER B 65 -7.18 -9.16 -7.22
N ALA B 66 -7.02 -9.92 -6.13
CA ALA B 66 -8.17 -10.50 -5.44
C ALA B 66 -8.92 -9.46 -4.63
N GLY B 67 -8.24 -8.37 -4.28
CA GLY B 67 -8.90 -7.27 -3.60
C GLY B 67 -9.14 -7.51 -2.12
N ILE B 68 -9.59 -6.46 -1.42
CA ILE B 68 -9.65 -6.47 0.03
C ILE B 68 -10.75 -7.38 0.57
N ASP B 69 -11.74 -7.65 -0.29
CA ASP B 69 -12.87 -8.49 0.09
C ASP B 69 -12.48 -9.96 0.17
N LYS B 70 -11.38 -10.32 -0.48
CA LYS B 70 -10.88 -11.67 -0.35
C LYS B 70 -9.57 -11.70 0.44
N GLN B 71 -9.39 -10.70 1.29
CA GLN B 71 -8.24 -10.58 2.20
C GLN B 71 -6.93 -10.52 1.42
N TYR B 72 -6.97 -10.01 0.20
CA TYR B 72 -5.82 -9.97 -0.70
C TYR B 72 -5.12 -11.32 -0.83
N LEU B 73 -5.91 -12.38 -0.99
CA LEU B 73 -5.41 -13.73 -1.24
C LEU B 73 -6.26 -14.35 -2.35
N LYS B 74 -5.61 -14.90 -3.38
CA LYS B 74 -6.31 -15.65 -4.41
C LYS B 74 -7.13 -16.75 -3.74
N ASP B 75 -8.43 -16.75 -4.03
CA ASP B 75 -9.35 -17.71 -3.45
C ASP B 75 -8.83 -19.15 -3.56
N GLY B 76 -8.65 -19.80 -2.43
CA GLY B 76 -8.26 -21.20 -2.42
C GLY B 76 -6.81 -21.45 -2.79
N ASP B 77 -5.95 -20.48 -2.48
CA ASP B 77 -4.53 -20.62 -2.76
C ASP B 77 -3.96 -21.71 -1.84
N ALA B 78 -3.52 -22.81 -2.45
CA ALA B 78 -3.05 -23.98 -1.69
C ALA B 78 -1.70 -23.76 -1.04
N ARG B 79 -0.98 -22.72 -1.47
CA ARG B 79 0.32 -22.40 -0.88
C ARG B 79 0.15 -21.82 0.52
N VAL B 80 -1.04 -21.35 0.84
CA VAL B 80 -1.28 -20.69 2.12
C VAL B 80 -1.54 -21.70 3.21
N ILE B 81 -0.68 -21.69 4.23
CA ILE B 81 -0.81 -22.58 5.38
C ILE B 81 -1.93 -22.11 6.30
N ALA B 82 -1.96 -20.81 6.58
CA ALA B 82 -3.04 -20.23 7.39
C ALA B 82 -2.97 -18.74 7.22
N HIS B 83 -4.11 -18.06 7.40
CA HIS B 83 -4.17 -16.61 7.22
C HIS B 83 -5.25 -15.99 8.06
N THR B 84 -5.06 -14.72 8.42
CA THR B 84 -6.09 -13.94 9.07
C THR B 84 -6.80 -13.11 8.01
N LYS B 85 -7.89 -12.46 8.38
CA LYS B 85 -8.47 -11.36 7.59
C LYS B 85 -7.52 -10.18 7.58
N VAL B 86 -7.75 -9.26 6.63
CA VAL B 86 -7.18 -7.93 6.66
C VAL B 86 -7.91 -7.08 7.69
N ILE B 87 -7.18 -6.52 8.66
CA ILE B 87 -7.79 -5.70 9.71
C ILE B 87 -7.26 -4.26 9.71
N GLY B 88 -8.10 -3.33 10.16
CA GLY B 88 -7.65 -1.96 10.37
C GLY B 88 -7.46 -1.65 11.85
N ALA B 89 -7.07 -0.42 12.17
CA ALA B 89 -6.81 0.00 13.55
C ALA B 89 -8.02 -0.30 14.42
N GLY B 90 -7.77 -0.89 15.58
CA GLY B 90 -8.86 -1.18 16.50
C GLY B 90 -9.37 -2.60 16.42
N GLU B 91 -9.17 -3.26 15.27
CA GLU B 91 -9.68 -4.61 15.06
C GLU B 91 -8.66 -5.69 15.43
N LYS B 92 -9.16 -6.92 15.60
CA LYS B 92 -8.32 -8.09 15.89
C LYS B 92 -8.81 -9.30 15.09
N ASP B 93 -7.93 -10.25 14.82
CA ASP B 93 -8.36 -11.53 14.27
C ASP B 93 -7.37 -12.58 14.72
N SER B 94 -7.81 -13.84 14.76
CA SER B 94 -6.88 -14.91 15.01
C SER B 94 -7.16 -16.07 14.08
N VAL B 95 -6.16 -16.92 13.89
CA VAL B 95 -6.31 -18.13 13.08
C VAL B 95 -5.58 -19.25 13.81
N THR B 96 -6.23 -20.41 13.88
CA THR B 96 -5.71 -21.57 14.60
C THR B 96 -5.54 -22.64 13.56
N PHE B 97 -4.39 -23.30 13.56
CA PHE B 97 -4.10 -24.32 12.56
C PHE B 97 -3.33 -25.48 13.16
N ASP B 98 -3.34 -26.63 12.48
CA ASP B 98 -2.60 -27.79 12.94
C ASP B 98 -1.11 -27.57 12.74
N VAL B 99 -0.35 -27.65 13.82
CA VAL B 99 1.11 -27.54 13.72
C VAL B 99 1.67 -28.67 12.85
N SER B 100 0.88 -29.72 12.66
CA SER B 100 1.25 -30.83 11.79
C SER B 100 1.39 -30.47 10.31
N LYS B 101 0.86 -29.32 9.91
CA LYS B 101 0.92 -28.89 8.51
C LYS B 101 2.34 -28.46 8.15
N LEU B 102 3.09 -28.04 9.17
CA LEU B 102 4.45 -27.58 8.97
C LEU B 102 5.41 -28.77 8.91
N ALA B 103 5.77 -29.15 7.69
CA ALA B 103 6.68 -30.26 7.46
C ALA B 103 8.08 -29.90 7.94
N ALA B 104 8.59 -30.66 8.91
CA ALA B 104 9.93 -30.45 9.43
C ALA B 104 10.95 -30.60 8.31
N GLY B 105 12.04 -29.86 8.40
CA GLY B 105 13.01 -29.79 7.32
C GLY B 105 12.70 -28.70 6.32
N GLU B 106 11.64 -27.94 6.59
CA GLU B 106 11.19 -26.87 5.70
C GLU B 106 11.36 -25.51 6.35
N LYS B 107 11.50 -24.48 5.51
CA LYS B 107 11.55 -23.10 5.98
C LYS B 107 10.22 -22.41 5.70
N TYR B 108 9.63 -21.84 6.75
CA TYR B 108 8.36 -21.14 6.64
C TYR B 108 8.51 -19.66 7.05
N GLY B 109 7.68 -18.80 6.48
CA GLY B 109 7.67 -17.40 6.88
C GLY B 109 6.27 -16.91 7.13
N PHE B 110 6.13 -15.71 7.66
CA PHE B 110 4.84 -15.04 7.70
C PHE B 110 4.97 -13.68 7.05
N PHE B 111 3.86 -13.16 6.54
CA PHE B 111 3.92 -11.88 5.84
C PHE B 111 2.54 -11.26 5.81
N CYS B 112 2.47 -9.98 5.43
CA CYS B 112 1.22 -9.31 5.14
C CYS B 112 1.05 -9.25 3.61
N SER B 113 -0.14 -9.57 3.10
CA SER B 113 -0.39 -9.54 1.66
C SER B 113 -1.10 -8.28 1.11
N PHE B 114 -1.38 -7.30 1.97
CA PHE B 114 -1.87 -6.01 1.49
C PHE B 114 -0.83 -5.42 0.54
N PRO B 115 -1.25 -4.96 -0.66
CA PRO B 115 -0.31 -4.60 -1.74
C PRO B 115 0.88 -3.77 -1.26
N GLY B 116 2.07 -4.30 -1.48
CA GLY B 116 3.27 -3.52 -1.20
C GLY B 116 3.81 -3.72 0.19
N HIS B 117 3.01 -4.27 1.10
CA HIS B 117 3.43 -4.37 2.49
C HIS B 117 4.50 -5.43 2.74
N ILE B 118 4.56 -6.45 1.87
CA ILE B 118 5.47 -7.56 2.09
C ILE B 118 6.94 -7.15 2.17
N SER B 119 7.29 -6.05 1.51
CA SER B 119 8.69 -5.62 1.45
C SER B 119 9.24 -5.27 2.83
N MET B 120 8.34 -4.89 3.73
CA MET B 120 8.69 -4.53 5.10
C MET B 120 8.12 -5.52 6.12
N MET B 121 6.99 -6.11 5.80
CA MET B 121 6.22 -6.90 6.77
C MET B 121 6.33 -8.37 6.48
N LYS B 122 7.43 -8.96 6.92
CA LYS B 122 7.64 -10.40 6.85
C LYS B 122 8.61 -10.82 7.95
N GLY B 123 8.54 -12.10 8.29
CA GLY B 123 9.43 -12.67 9.29
C GLY B 123 9.50 -14.17 9.09
N THR B 124 10.03 -14.88 10.08
CA THR B 124 10.18 -16.32 9.98
C THR B 124 9.28 -17.02 11.00
N VAL B 125 8.88 -18.25 10.71
CA VAL B 125 8.29 -19.10 11.73
C VAL B 125 9.23 -20.27 12.01
N THR B 126 9.43 -20.55 13.28
CA THR B 126 10.48 -21.47 13.73
C THR B 126 9.86 -22.53 14.62
N LEU B 127 9.99 -23.78 14.18
CA LEU B 127 9.46 -24.92 14.93
C LEU B 127 10.53 -25.40 15.91
N LYS B 128 10.15 -25.50 17.19
CA LYS B 128 11.10 -25.89 18.22
C LYS B 128 10.43 -26.82 19.24
CU CU C . 1.02 8.70 -0.82
CU CU D . 0.10 -4.81 5.90
#